data_3LXL
#
_entry.id   3LXL
#
_cell.length_a   47.192
_cell.length_b   75.187
_cell.length_c   89.070
_cell.angle_alpha   90.00
_cell.angle_beta   90.00
_cell.angle_gamma   90.00
#
_symmetry.space_group_name_H-M   'P 21 21 21'
#
loop_
_entity.id
_entity.type
_entity.pdbx_description
1 polymer 'Tyrosine-protein kinase JAK3'
2 non-polymer 2-TERT-BUTYL-9-FLUORO-3,6-DIHYDRO-7H-BENZ[H]-IMIDAZ[4,5-F]ISOQUINOLINE-7-ONE
3 water water
#
_entity_poly.entity_id   1
_entity_poly.type   'polypeptide(L)'
_entity_poly.pdbx_seq_one_letter_code
;MGHHHHHHAQLYACQDPTIFEERHLKYISQLGKGNFGSVELCRYDPLGDNTGALVAVKQLQHSGPDQQRDFQREIQILKA
LHSDFIVKYRGVSYGPGRQSLRLVMEYLPSGCLRDFLQRHRARLDASRLLLYSSQICKGMEYLGSRRCVHRDLAARNILV
ESEAHVKIADFGLAKLLPLDKDYYVVREPGQSPIFWYAPESLSDNIFSRQSDVWSFGVVLYELFTYCDKSCSPSAEFLRM
MGCERDVPALSRLLELLEEGQRLPAPPACPAEVHELMKLCWAPSPQDRPSFSALGPQLDMLWSGSRGCETHAFTAHPEGK
HHSLSFS
;
_entity_poly.pdbx_strand_id   A
#
# COMPACT_ATOMS: atom_id res chain seq x y z
N PRO A 17 24.69 2.96 -13.16
CA PRO A 17 23.53 2.15 -13.54
C PRO A 17 22.25 2.50 -12.76
N THR A 18 22.41 2.73 -11.45
CA THR A 18 21.30 3.18 -10.60
C THR A 18 21.30 4.71 -10.46
N ILE A 19 22.15 5.40 -11.23
CA ILE A 19 22.06 6.86 -11.33
C ILE A 19 21.52 7.26 -12.69
N PHE A 20 20.39 7.94 -12.69
CA PHE A 20 19.76 8.39 -13.94
C PHE A 20 20.06 9.87 -14.11
N GLU A 21 20.40 10.26 -15.33
CA GLU A 21 20.67 11.66 -15.69
C GLU A 21 19.37 12.39 -15.97
N GLU A 22 19.18 13.55 -15.35
CA GLU A 22 17.96 14.35 -15.54
C GLU A 22 17.58 14.61 -16.99
N ARG A 23 18.58 15.00 -17.80
CA ARG A 23 18.29 15.41 -19.16
C ARG A 23 17.74 14.24 -20.00
N HIS A 24 17.98 13.01 -19.55
CA HIS A 24 17.57 11.84 -20.34
C HIS A 24 16.18 11.30 -19.95
N LEU A 25 15.63 11.80 -18.84
CA LEU A 25 14.30 11.40 -18.41
C LEU A 25 13.28 12.30 -19.09
N LYS A 26 12.47 11.73 -19.97
CA LYS A 26 11.54 12.51 -20.79
C LYS A 26 10.12 12.36 -20.27
N TYR A 27 9.49 13.48 -19.91
CA TYR A 27 8.14 13.43 -19.33
C TYR A 27 7.08 12.98 -20.33
N ILE A 28 6.26 12.00 -19.94
CA ILE A 28 5.14 11.56 -20.76
C ILE A 28 3.78 11.90 -20.15
N SER A 29 3.51 11.45 -18.92
CA SER A 29 2.21 11.66 -18.32
C SER A 29 2.22 11.45 -16.81
N GLN A 30 1.10 11.83 -16.17
CA GLN A 30 0.91 11.57 -14.73
C GLN A 30 0.40 10.17 -14.49
N LEU A 31 0.96 9.50 -13.49
CA LEU A 31 0.44 8.17 -13.07
C LEU A 31 -0.31 8.26 -11.76
N GLY A 32 0.23 8.99 -10.79
CA GLY A 32 -0.50 9.19 -9.54
C GLY A 32 0.10 10.27 -8.67
N LYS A 33 -0.50 10.45 -7.50
CA LYS A 33 -0.04 11.45 -6.55
C LYS A 33 -0.55 11.13 -5.15
N GLY A 34 0.04 11.79 -4.17
CA GLY A 34 -0.38 11.60 -2.78
C GLY A 34 0.77 11.76 -1.83
N ASN A 35 0.45 12.16 -0.60
CA ASN A 35 1.46 12.30 0.43
C ASN A 35 2.65 13.14 -0.04
N PHE A 36 2.33 14.28 -0.65
CA PHE A 36 3.29 15.30 -1.08
C PHE A 36 4.12 14.90 -2.29
N GLY A 37 3.83 13.75 -2.88
CA GLY A 37 4.61 13.28 -4.02
C GLY A 37 3.78 13.07 -5.27
N SER A 38 4.45 13.02 -6.41
CA SER A 38 3.80 12.65 -7.67
C SER A 38 4.61 11.52 -8.27
N VAL A 39 3.94 10.68 -9.06
CA VAL A 39 4.61 9.63 -9.83
C VAL A 39 4.25 9.92 -11.29
N GLU A 40 5.27 10.01 -12.13
CA GLU A 40 5.12 10.36 -13.54
C GLU A 40 5.63 9.22 -14.39
N LEU A 41 5.02 9.01 -15.55
CA LEU A 41 5.56 8.10 -16.54
C LEU A 41 6.56 8.90 -17.38
N CYS A 42 7.80 8.42 -17.43
CA CYS A 42 8.86 8.99 -18.23
C CYS A 42 9.45 7.93 -19.14
N ARG A 43 10.05 8.36 -20.23
CA ARG A 43 10.93 7.47 -20.98
C ARG A 43 12.36 7.86 -20.65
N TYR A 44 13.20 6.89 -20.31
CA TYR A 44 14.61 7.17 -20.15
C TYR A 44 15.20 6.98 -21.52
N ASP A 45 15.53 8.11 -22.16
CA ASP A 45 15.72 8.14 -23.62
C ASP A 45 17.04 8.83 -23.96
N PRO A 46 18.16 8.19 -23.58
CA PRO A 46 19.46 8.79 -23.81
C PRO A 46 19.75 9.04 -25.30
N LEU A 47 19.15 8.22 -26.18
CA LEU A 47 19.34 8.39 -27.64
C LEU A 47 18.43 9.48 -28.23
N GLY A 48 17.43 9.92 -27.47
CA GLY A 48 16.56 11.00 -27.89
C GLY A 48 15.62 10.69 -29.05
N ASP A 49 15.40 9.41 -29.32
CA ASP A 49 14.65 8.99 -30.50
C ASP A 49 13.30 8.32 -30.17
N ASN A 50 12.89 8.41 -28.90
CA ASN A 50 11.64 7.81 -28.40
C ASN A 50 11.68 6.28 -28.37
N THR A 51 12.87 5.71 -28.31
CA THR A 51 13.03 4.26 -28.25
C THR A 51 13.42 3.71 -26.88
N GLY A 52 13.77 4.59 -25.94
CA GLY A 52 14.17 4.15 -24.60
C GLY A 52 13.08 3.46 -23.79
N ALA A 53 13.50 2.86 -22.68
CA ALA A 53 12.64 2.17 -21.75
C ALA A 53 11.75 3.10 -20.94
N LEU A 54 10.53 2.67 -20.68
CA LEU A 54 9.63 3.44 -19.81
C LEU A 54 9.92 3.15 -18.34
N VAL A 55 9.83 4.19 -17.51
CA VAL A 55 10.05 4.07 -16.08
C VAL A 55 9.01 4.93 -15.36
N ALA A 56 8.72 4.57 -14.12
CA ALA A 56 7.84 5.34 -13.24
C ALA A 56 8.75 6.12 -12.31
N VAL A 57 8.50 7.42 -12.21
CA VAL A 57 9.47 8.31 -11.56
C VAL A 57 8.74 9.15 -10.52
N LYS A 58 9.20 9.08 -9.28
CA LYS A 58 8.56 9.75 -8.18
C LYS A 58 9.43 10.92 -7.73
N GLN A 59 8.76 12.02 -7.41
CA GLN A 59 9.43 13.21 -6.89
C GLN A 59 8.46 13.91 -5.95
N LEU A 60 9.00 14.82 -5.14
CA LEU A 60 8.11 15.73 -4.43
C LEU A 60 7.35 16.60 -5.43
N GLN A 61 6.12 16.97 -5.09
CA GLN A 61 5.35 17.91 -5.92
C GLN A 61 6.00 19.29 -5.80
N HIS A 62 6.32 19.68 -4.57
CA HIS A 62 7.09 20.90 -4.34
C HIS A 62 8.13 20.69 -3.22
N SER A 63 9.12 21.58 -3.15
CA SER A 63 10.18 21.46 -2.14
C SER A 63 9.64 21.65 -0.73
N GLY A 64 10.27 20.97 0.23
CA GLY A 64 9.92 21.13 1.64
C GLY A 64 10.83 20.23 2.47
N PRO A 65 11.44 20.78 3.56
CA PRO A 65 12.43 19.98 4.30
C PRO A 65 11.91 18.71 4.97
N ASP A 66 10.71 18.76 5.57
CA ASP A 66 10.12 17.56 6.17
C ASP A 66 9.91 16.49 5.10
N GLN A 67 9.34 16.92 3.97
CA GLN A 67 8.99 15.99 2.90
C GLN A 67 10.24 15.43 2.24
N GLN A 68 11.29 16.26 2.14
CA GLN A 68 12.58 15.77 1.64
C GLN A 68 13.18 14.67 2.52
N ARG A 69 13.12 14.85 3.83
CA ARG A 69 13.62 13.82 4.75
C ARG A 69 12.84 12.52 4.56
N ASP A 70 11.52 12.64 4.47
CA ASP A 70 10.67 11.47 4.27
C ASP A 70 10.94 10.80 2.91
N PHE A 71 11.24 11.62 1.92
CA PHE A 71 11.51 11.13 0.56
C PHE A 71 12.82 10.33 0.53
N GLN A 72 13.87 10.87 1.13
CA GLN A 72 15.12 10.14 1.24
C GLN A 72 14.95 8.80 1.99
N ARG A 73 14.12 8.79 3.02
CA ARG A 73 13.82 7.55 3.75
C ARG A 73 13.13 6.54 2.84
N GLU A 74 12.15 7.00 2.08
CA GLU A 74 11.44 6.14 1.13
C GLU A 74 12.42 5.47 0.17
N ILE A 75 13.33 6.27 -0.38
CA ILE A 75 14.33 5.75 -1.32
C ILE A 75 15.20 4.68 -0.65
N GLN A 76 15.65 4.98 0.57
CA GLN A 76 16.53 4.05 1.31
C GLN A 76 15.83 2.74 1.62
N ILE A 77 14.54 2.81 1.98
CA ILE A 77 13.75 1.62 2.24
C ILE A 77 13.55 0.81 0.97
N LEU A 78 13.06 1.45 -0.10
CA LEU A 78 12.74 0.70 -1.32
C LEU A 78 13.98 0.08 -1.96
N LYS A 79 15.10 0.81 -1.96
CA LYS A 79 16.36 0.33 -2.55
C LYS A 79 16.83 -0.99 -1.92
N ALA A 80 16.50 -1.20 -0.65
CA ALA A 80 16.95 -2.40 0.09
C ALA A 80 15.92 -3.54 0.07
N LEU A 81 14.81 -3.35 -0.64
CA LEU A 81 13.78 -4.36 -0.77
C LEU A 81 13.93 -5.09 -2.09
N HIS A 82 13.95 -6.41 -2.02
CA HIS A 82 14.16 -7.26 -3.17
C HIS A 82 13.16 -8.42 -3.13
N SER A 83 12.02 -8.25 -3.79
CA SER A 83 10.94 -9.23 -3.72
C SER A 83 10.14 -9.18 -4.99
N ASP A 84 9.70 -10.34 -5.46
CA ASP A 84 8.77 -10.40 -6.59
C ASP A 84 7.44 -9.69 -6.28
N PHE A 85 7.17 -9.42 -5.00
CA PHE A 85 5.89 -8.81 -4.57
C PHE A 85 6.03 -7.39 -4.07
N ILE A 86 7.17 -6.77 -4.36
CA ILE A 86 7.40 -5.36 -4.02
C ILE A 86 7.89 -4.68 -5.29
N VAL A 87 7.33 -3.51 -5.59
CA VAL A 87 7.73 -2.78 -6.81
C VAL A 87 9.25 -2.56 -6.85
N LYS A 88 9.85 -2.74 -8.03
CA LYS A 88 11.29 -2.68 -8.17
C LYS A 88 11.86 -1.27 -8.21
N TYR A 89 12.78 -1.01 -7.31
CA TYR A 89 13.67 0.14 -7.39
C TYR A 89 14.62 0.02 -8.59
N ARG A 90 14.74 1.09 -9.38
CA ARG A 90 15.75 1.14 -10.46
C ARG A 90 16.93 2.06 -10.14
N GLY A 91 16.66 3.20 -9.52
CA GLY A 91 17.73 4.14 -9.27
C GLY A 91 17.19 5.48 -8.86
N VAL A 92 18.05 6.49 -8.92
CA VAL A 92 17.71 7.85 -8.54
C VAL A 92 18.32 8.83 -9.53
N SER A 93 17.74 10.02 -9.62
CA SER A 93 18.42 11.19 -10.17
C SER A 93 18.61 12.24 -9.08
N TYR A 94 19.68 13.02 -9.20
CA TYR A 94 20.07 13.96 -8.17
C TYR A 94 19.81 15.38 -8.54
N GLY A 95 19.38 16.17 -7.57
CA GLY A 95 19.54 17.59 -7.54
C GLY A 95 20.94 18.07 -7.16
N PRO A 96 21.01 19.10 -6.31
CA PRO A 96 22.23 19.84 -6.11
C PRO A 96 23.29 18.99 -5.53
N GLY A 97 23.05 18.35 -4.40
CA GLY A 97 24.20 17.85 -3.69
C GLY A 97 24.34 16.37 -3.81
N ARG A 98 24.23 15.73 -2.67
CA ARG A 98 23.53 14.47 -2.64
C ARG A 98 22.03 14.63 -2.39
N GLN A 99 21.44 15.74 -2.78
CA GLN A 99 20.02 15.83 -2.60
C GLN A 99 19.27 15.03 -3.65
N SER A 100 18.50 14.04 -3.24
CA SER A 100 17.74 13.21 -4.18
C SER A 100 16.63 14.04 -4.83
N LEU A 101 16.52 13.92 -6.16
CA LEU A 101 15.48 14.63 -6.88
C LEU A 101 14.38 13.68 -7.31
N ARG A 102 14.75 12.52 -7.83
CA ARG A 102 13.76 11.56 -8.28
C ARG A 102 14.12 10.13 -7.92
N LEU A 103 13.09 9.37 -7.59
CA LEU A 103 13.18 7.95 -7.36
C LEU A 103 12.65 7.25 -8.61
N VAL A 104 13.51 6.47 -9.24
CA VAL A 104 13.15 5.80 -10.49
C VAL A 104 12.80 4.35 -10.18
N MET A 105 11.64 3.91 -10.68
CA MET A 105 11.11 2.58 -10.38
C MET A 105 10.68 1.95 -11.69
N GLU A 106 10.49 0.64 -11.69
CA GLU A 106 9.88 -0.03 -12.84
C GLU A 106 8.48 0.51 -13.09
N TYR A 107 8.08 0.50 -14.36
CA TYR A 107 6.76 0.91 -14.75
C TYR A 107 5.88 -0.31 -14.96
N LEU A 108 4.73 -0.30 -14.30
CA LEU A 108 3.72 -1.37 -14.41
C LEU A 108 2.46 -0.75 -15.03
N PRO A 109 2.33 -0.87 -16.37
CA PRO A 109 1.27 -0.15 -17.08
C PRO A 109 -0.15 -0.52 -16.69
N SER A 110 -0.36 -1.69 -16.09
CA SER A 110 -1.71 -2.05 -15.64
C SER A 110 -2.18 -1.22 -14.44
N GLY A 111 -1.26 -0.53 -13.79
CA GLY A 111 -1.62 0.44 -12.77
C GLY A 111 -2.07 -0.16 -11.45
N CYS A 112 -2.88 0.60 -10.69
CA CYS A 112 -3.19 0.18 -9.34
C CYS A 112 -4.29 -0.89 -9.33
N LEU A 113 -4.23 -1.73 -8.31
CA LEU A 113 -5.14 -2.86 -8.15
C LEU A 113 -6.59 -2.42 -8.02
N ARG A 114 -6.83 -1.29 -7.34
CA ARG A 114 -8.18 -0.75 -7.25
C ARG A 114 -8.82 -0.57 -8.64
N ASP A 115 -8.09 0.11 -9.51
CA ASP A 115 -8.54 0.40 -10.89
C ASP A 115 -8.71 -0.91 -11.65
N PHE A 116 -7.71 -1.78 -11.51
CA PHE A 116 -7.69 -3.05 -12.24
C PHE A 116 -8.88 -3.95 -11.89
N LEU A 117 -9.19 -4.04 -10.60
CA LEU A 117 -10.32 -4.85 -10.12
C LEU A 117 -11.65 -4.33 -10.66
N GLN A 118 -11.82 -3.01 -10.59
CA GLN A 118 -13.05 -2.37 -11.09
C GLN A 118 -13.25 -2.65 -12.59
N ARG A 119 -12.18 -2.56 -13.36
CA ARG A 119 -12.27 -2.72 -14.81
C ARG A 119 -12.47 -4.19 -15.19
N HIS A 120 -11.80 -5.10 -14.50
CA HIS A 120 -11.75 -6.49 -14.95
C HIS A 120 -12.56 -7.45 -14.08
N ARG A 121 -13.44 -6.90 -13.25
CA ARG A 121 -14.20 -7.70 -12.28
C ARG A 121 -14.89 -8.92 -12.91
N ALA A 122 -15.51 -8.71 -14.06
CA ALA A 122 -16.30 -9.77 -14.72
C ALA A 122 -15.43 -10.88 -15.30
N ARG A 123 -14.11 -10.71 -15.24
CA ARG A 123 -13.13 -11.65 -15.73
C ARG A 123 -12.31 -12.35 -14.64
N LEU A 124 -12.24 -11.79 -13.43
CA LEU A 124 -11.41 -12.34 -12.39
C LEU A 124 -12.26 -13.13 -11.37
N ASP A 125 -11.98 -14.43 -11.22
CA ASP A 125 -12.74 -15.27 -10.29
C ASP A 125 -12.12 -15.32 -8.89
N ALA A 126 -12.75 -16.09 -8.00
CA ALA A 126 -12.31 -16.15 -6.61
C ALA A 126 -10.89 -16.67 -6.46
N SER A 127 -10.49 -17.64 -7.31
CA SER A 127 -9.11 -18.14 -7.27
C SER A 127 -8.12 -17.03 -7.56
N ARG A 128 -8.43 -16.19 -8.55
CA ARG A 128 -7.58 -15.07 -8.85
C ARG A 128 -7.44 -14.09 -7.67
N LEU A 129 -8.56 -13.78 -7.03
CA LEU A 129 -8.52 -12.88 -5.86
C LEU A 129 -7.69 -13.48 -4.76
N LEU A 130 -7.79 -14.80 -4.58
CA LEU A 130 -6.99 -15.48 -3.56
C LEU A 130 -5.51 -15.47 -3.90
N LEU A 131 -5.20 -15.58 -5.19
CA LEU A 131 -3.83 -15.50 -5.66
C LEU A 131 -3.27 -14.13 -5.29
N TYR A 132 -4.03 -13.08 -5.62
CA TYR A 132 -3.56 -11.72 -5.28
C TYR A 132 -3.36 -11.56 -3.78
N SER A 133 -4.31 -12.07 -3.00
CA SER A 133 -4.24 -12.01 -1.53
C SER A 133 -2.97 -12.69 -1.02
N SER A 134 -2.68 -13.87 -1.56
CA SER A 134 -1.47 -14.62 -1.19
C SER A 134 -0.17 -13.84 -1.51
N GLN A 135 -0.12 -13.27 -2.71
CA GLN A 135 1.01 -12.47 -3.15
C GLN A 135 1.23 -11.23 -2.28
N ILE A 136 0.14 -10.55 -1.95
CA ILE A 136 0.22 -9.37 -1.09
C ILE A 136 0.71 -9.81 0.29
N CYS A 137 0.14 -10.90 0.79
CA CYS A 137 0.53 -11.46 2.08
C CYS A 137 2.03 -11.78 2.12
N LYS A 138 2.54 -12.41 1.06
CA LYS A 138 3.97 -12.76 0.98
C LYS A 138 4.85 -11.52 0.96
N GLY A 139 4.44 -10.49 0.21
CA GLY A 139 5.16 -9.23 0.23
C GLY A 139 5.18 -8.60 1.62
N MET A 140 4.07 -8.67 2.32
CA MET A 140 3.98 -8.10 3.67
C MET A 140 4.78 -8.92 4.71
N GLU A 141 4.79 -10.23 4.54
CA GLU A 141 5.65 -11.09 5.34
C GLU A 141 7.11 -10.65 5.21
N TYR A 142 7.54 -10.43 3.97
CA TYR A 142 8.89 -9.98 3.68
C TYR A 142 9.15 -8.61 4.28
N LEU A 143 8.21 -7.69 4.09
CA LEU A 143 8.37 -6.38 4.65
C LEU A 143 8.58 -6.46 6.16
N GLY A 144 7.77 -7.27 6.83
CA GLY A 144 7.87 -7.45 8.28
C GLY A 144 9.22 -8.00 8.67
N SER A 145 9.76 -8.89 7.84
CA SER A 145 11.09 -9.46 8.09
C SER A 145 12.22 -8.43 8.00
N ARG A 146 11.96 -7.31 7.30
CA ARG A 146 12.89 -6.20 7.18
C ARG A 146 12.64 -5.11 8.23
N ARG A 147 11.71 -5.40 9.15
CA ARG A 147 11.28 -4.50 10.22
C ARG A 147 10.63 -3.24 9.66
N CYS A 148 10.00 -3.38 8.49
CA CYS A 148 9.36 -2.28 7.79
C CYS A 148 7.85 -2.31 8.02
N VAL A 149 7.31 -1.20 8.53
CA VAL A 149 5.88 -1.00 8.63
C VAL A 149 5.44 -0.11 7.45
N HIS A 150 4.49 -0.58 6.67
CA HIS A 150 4.09 0.10 5.45
C HIS A 150 3.22 1.32 5.77
N ARG A 151 2.20 1.11 6.60
CA ARG A 151 1.34 2.17 7.16
C ARG A 151 0.23 2.66 6.22
N ASP A 152 0.28 2.31 4.95
CA ASP A 152 -0.69 2.84 3.97
C ASP A 152 -1.16 1.75 3.01
N LEU A 153 -1.21 0.51 3.49
CA LEU A 153 -1.64 -0.61 2.66
C LEU A 153 -3.13 -0.48 2.31
N ALA A 154 -3.40 -0.44 1.01
CA ALA A 154 -4.76 -0.36 0.45
C ALA A 154 -4.66 -0.76 -1.00
N ALA A 155 -5.80 -1.10 -1.61
CA ALA A 155 -5.78 -1.54 -3.00
C ALA A 155 -5.26 -0.47 -3.96
N ARG A 156 -5.50 0.80 -3.63
CA ARG A 156 -5.00 1.88 -4.46
C ARG A 156 -3.45 2.00 -4.46
N ASN A 157 -2.80 1.36 -3.49
CA ASN A 157 -1.35 1.41 -3.31
C ASN A 157 -0.64 0.11 -3.67
N ILE A 158 -1.39 -0.77 -4.31
CA ILE A 158 -0.86 -2.02 -4.83
C ILE A 158 -0.97 -1.93 -6.34
N LEU A 159 0.05 -2.43 -7.03
CA LEU A 159 0.12 -2.34 -8.49
C LEU A 159 -0.04 -3.71 -9.13
N VAL A 160 -0.38 -3.70 -10.41
CA VAL A 160 -0.59 -4.94 -11.17
C VAL A 160 0.51 -5.10 -12.21
N GLU A 161 1.31 -6.15 -12.08
CA GLU A 161 2.37 -6.45 -13.07
C GLU A 161 1.76 -7.22 -14.24
N SER A 162 0.89 -8.16 -13.90
CA SER A 162 0.15 -8.92 -14.89
C SER A 162 -1.14 -9.39 -14.26
N GLU A 163 -2.03 -9.96 -15.06
CA GLU A 163 -3.29 -10.43 -14.54
C GLU A 163 -3.12 -11.55 -13.49
N ALA A 164 -1.91 -12.11 -13.38
CA ALA A 164 -1.62 -13.13 -12.37
C ALA A 164 -0.53 -12.71 -11.38
N HIS A 165 -0.25 -11.42 -11.28
CA HIS A 165 0.88 -10.98 -10.45
C HIS A 165 0.70 -9.53 -9.99
N VAL A 166 0.64 -9.32 -8.67
CA VAL A 166 0.56 -7.95 -8.08
C VAL A 166 1.78 -7.67 -7.23
N LYS A 167 2.04 -6.39 -6.98
CA LYS A 167 3.23 -5.93 -6.22
C LYS A 167 2.83 -4.74 -5.35
N ILE A 168 3.35 -4.67 -4.13
CA ILE A 168 3.09 -3.57 -3.21
C ILE A 168 3.96 -2.38 -3.60
N ALA A 169 3.37 -1.17 -3.57
CA ALA A 169 4.08 0.05 -3.88
C ALA A 169 3.82 1.10 -2.78
N ASP A 170 4.11 2.37 -3.07
CA ASP A 170 3.70 3.47 -2.17
C ASP A 170 4.40 3.37 -0.80
N PHE A 171 5.73 3.44 -0.79
CA PHE A 171 6.50 3.38 0.45
C PHE A 171 6.77 4.73 1.12
N GLY A 172 6.04 5.74 0.66
CA GLY A 172 6.18 7.12 1.16
C GLY A 172 5.85 7.35 2.62
N LEU A 173 5.08 6.46 3.24
CA LEU A 173 4.77 6.55 4.67
C LEU A 173 5.43 5.43 5.49
N ALA A 174 6.27 4.63 4.85
CA ALA A 174 6.80 3.44 5.54
C ALA A 174 7.86 3.85 6.54
N LYS A 175 8.02 3.03 7.58
CA LYS A 175 9.02 3.29 8.61
C LYS A 175 9.70 1.99 9.03
N LEU A 176 10.96 2.10 9.45
CA LEU A 176 11.71 0.94 9.94
C LEU A 176 11.68 0.91 11.47
N LEU A 177 11.34 -0.24 12.03
CA LEU A 177 11.27 -0.41 13.48
C LEU A 177 12.67 -0.60 14.04
N PRO A 178 13.02 0.17 15.09
CA PRO A 178 14.31 -0.08 15.75
C PRO A 178 14.37 -1.52 16.28
N LEU A 179 15.58 -2.01 16.51
CA LEU A 179 15.74 -3.42 16.87
C LEU A 179 15.08 -3.79 18.20
N ASP A 180 14.89 -2.81 19.08
CA ASP A 180 14.35 -3.08 20.42
C ASP A 180 12.91 -2.61 20.66
N LYS A 181 12.20 -2.27 19.58
CA LYS A 181 10.86 -1.68 19.70
C LYS A 181 10.03 -2.13 18.50
N ASP A 182 8.86 -2.73 18.74
CA ASP A 182 8.06 -3.33 17.66
C ASP A 182 6.88 -2.49 17.22
N TYR A 183 6.86 -1.23 17.62
CA TYR A 183 5.86 -0.29 17.15
C TYR A 183 6.46 1.10 17.08
N TYR A 184 5.74 2.04 16.47
CA TYR A 184 6.11 3.44 16.59
C TYR A 184 4.88 4.32 16.67
N VAL A 185 5.06 5.47 17.31
CA VAL A 185 4.01 6.45 17.51
C VAL A 185 4.32 7.66 16.64
N VAL A 186 3.32 8.13 15.90
CA VAL A 186 3.44 9.37 15.12
C VAL A 186 2.86 10.52 15.95
N ARG A 187 3.37 11.73 15.74
CA ARG A 187 2.91 12.84 16.53
C ARG A 187 1.58 13.43 16.09
N GLU A 188 1.45 13.68 14.80
CA GLU A 188 0.21 14.09 14.18
C GLU A 188 -0.60 12.92 13.67
N PRO A 189 -1.92 12.95 13.83
CA PRO A 189 -2.79 12.07 13.06
C PRO A 189 -2.61 12.10 11.52
N GLY A 190 -2.92 10.98 10.91
CA GLY A 190 -2.64 10.75 9.53
C GLY A 190 -3.64 11.38 8.64
N GLN A 191 -3.39 11.30 7.36
CA GLN A 191 -4.08 12.06 6.40
C GLN A 191 -4.52 11.13 5.29
N SER A 192 -4.50 9.82 5.52
CA SER A 192 -5.12 8.88 4.59
C SER A 192 -6.56 8.64 5.00
N PRO A 193 -7.40 8.23 4.04
CA PRO A 193 -8.79 7.91 4.40
C PRO A 193 -8.81 7.01 5.62
N ILE A 194 -9.67 7.35 6.57
CA ILE A 194 -9.56 6.80 7.92
C ILE A 194 -9.94 5.32 8.02
N PHE A 195 -10.56 4.80 6.97
CA PHE A 195 -11.26 3.52 7.00
C PHE A 195 -10.35 2.32 6.88
N TRP A 196 -9.05 2.56 6.68
CA TRP A 196 -8.04 1.50 6.67
C TRP A 196 -7.21 1.42 7.97
N TYR A 197 -7.32 2.41 8.85
CA TYR A 197 -6.53 2.48 10.08
C TYR A 197 -7.01 1.50 11.15
N ALA A 198 -6.07 0.90 11.87
CA ALA A 198 -6.37 0.04 13.01
C ALA A 198 -6.87 0.92 14.17
N PRO A 199 -7.65 0.33 15.10
CA PRO A 199 -8.15 1.13 16.22
C PRO A 199 -7.06 1.86 16.99
N GLU A 200 -5.95 1.17 17.27
CA GLU A 200 -4.87 1.77 18.04
C GLU A 200 -4.17 2.91 17.29
N SER A 201 -4.23 2.88 15.97
CA SER A 201 -3.72 3.98 15.15
C SER A 201 -4.69 5.17 15.25
N LEU A 202 -5.99 4.89 15.15
CA LEU A 202 -7.02 5.93 15.30
C LEU A 202 -6.97 6.60 16.69
N SER A 203 -6.80 5.81 17.73
CA SER A 203 -6.87 6.34 19.10
C SER A 203 -5.54 6.90 19.61
N ASP A 204 -4.43 6.23 19.32
CA ASP A 204 -3.15 6.62 19.91
C ASP A 204 -2.02 6.85 18.91
N ASN A 205 -2.33 6.87 17.62
CA ASN A 205 -1.33 7.05 16.58
C ASN A 205 -0.22 6.00 16.62
N ILE A 206 -0.55 4.79 17.05
CA ILE A 206 0.41 3.69 17.14
C ILE A 206 0.36 2.89 15.85
N PHE A 207 1.53 2.60 15.26
CA PHE A 207 1.61 1.76 14.07
C PHE A 207 2.60 0.61 14.30
N SER A 208 2.32 -0.52 13.67
CA SER A 208 3.11 -1.71 13.85
C SER A 208 2.83 -2.65 12.70
N ARG A 209 3.56 -3.75 12.66
CA ARG A 209 3.30 -4.78 11.68
C ARG A 209 1.88 -5.34 11.87
N GLN A 210 1.38 -5.28 13.11
CA GLN A 210 0.03 -5.73 13.47
CA GLN A 210 0.02 -5.77 13.38
C GLN A 210 -1.07 -4.77 13.00
N SER A 211 -0.76 -3.48 12.94
CA SER A 211 -1.70 -2.54 12.30
C SER A 211 -1.71 -2.74 10.78
N ASP A 212 -0.57 -3.10 10.19
CA ASP A 212 -0.55 -3.51 8.76
C ASP A 212 -1.46 -4.72 8.52
N VAL A 213 -1.48 -5.67 9.45
CA VAL A 213 -2.39 -6.82 9.34
C VAL A 213 -3.86 -6.38 9.32
N TRP A 214 -4.23 -5.43 10.18
CA TRP A 214 -5.58 -4.85 10.15
C TRP A 214 -5.90 -4.31 8.75
N SER A 215 -5.00 -3.47 8.23
CA SER A 215 -5.17 -2.88 6.90
C SER A 215 -5.26 -3.96 5.82
N PHE A 216 -4.48 -5.01 5.96
CA PHE A 216 -4.56 -6.14 5.04
C PHE A 216 -5.95 -6.78 5.03
N GLY A 217 -6.58 -6.85 6.21
CA GLY A 217 -7.99 -7.29 6.28
C GLY A 217 -8.89 -6.40 5.44
N VAL A 218 -8.67 -5.09 5.49
CA VAL A 218 -9.45 -4.18 4.64
C VAL A 218 -9.11 -4.42 3.16
N VAL A 219 -7.84 -4.69 2.86
CA VAL A 219 -7.44 -5.05 1.49
C VAL A 219 -8.17 -6.33 0.98
N LEU A 220 -8.28 -7.34 1.85
CA LEU A 220 -9.04 -8.53 1.51
C LEU A 220 -10.50 -8.16 1.22
N TYR A 221 -11.05 -7.28 2.04
CA TYR A 221 -12.40 -6.74 1.81
C TYR A 221 -12.52 -6.10 0.41
N GLU A 222 -11.54 -5.26 0.08
CA GLU A 222 -11.49 -4.59 -1.20
C GLU A 222 -11.40 -5.56 -2.34
N LEU A 223 -10.51 -6.56 -2.24
CA LEU A 223 -10.39 -7.59 -3.26
C LEU A 223 -11.74 -8.26 -3.53
N PHE A 224 -12.43 -8.66 -2.48
CA PHE A 224 -13.65 -9.45 -2.62
C PHE A 224 -14.92 -8.64 -2.91
N THR A 225 -14.79 -7.32 -2.90
CA THR A 225 -15.80 -6.40 -3.45
C THR A 225 -15.38 -5.85 -4.84
N TYR A 226 -14.25 -6.32 -5.36
CA TYR A 226 -13.63 -5.77 -6.56
C TYR A 226 -13.55 -4.24 -6.53
N CYS A 227 -13.26 -3.70 -5.35
CA CYS A 227 -13.17 -2.25 -5.13
C CYS A 227 -14.38 -1.48 -5.64
N ASP A 228 -15.56 -2.12 -5.59
CA ASP A 228 -16.80 -1.45 -5.97
C ASP A 228 -16.97 -0.26 -5.04
N LYS A 229 -17.19 0.90 -5.63
CA LYS A 229 -17.35 2.12 -4.83
C LYS A 229 -18.57 2.11 -3.90
N SER A 230 -19.65 1.40 -4.28
CA SER A 230 -20.91 1.47 -3.53
C SER A 230 -20.87 0.73 -2.20
N CYS A 231 -20.03 -0.29 -2.12
CA CYS A 231 -19.79 -0.99 -0.84
C CYS A 231 -18.33 -0.86 -0.37
N SER A 232 -17.66 0.22 -0.77
CA SER A 232 -16.27 0.47 -0.37
C SER A 232 -16.15 0.69 1.13
N PRO A 233 -14.94 0.51 1.68
CA PRO A 233 -14.80 0.78 3.12
C PRO A 233 -15.37 2.12 3.54
N SER A 234 -15.09 3.18 2.79
CA SER A 234 -15.65 4.51 3.10
C SER A 234 -17.17 4.55 3.00
N ALA A 235 -17.69 4.11 1.88
CA ALA A 235 -19.14 4.13 1.65
C ALA A 235 -19.89 3.34 2.70
N GLU A 236 -19.43 2.11 2.97
CA GLU A 236 -20.14 1.24 3.90
C GLU A 236 -19.95 1.66 5.36
N PHE A 237 -18.74 2.02 5.78
CA PHE A 237 -18.54 2.49 7.15
C PHE A 237 -19.36 3.77 7.38
N LEU A 238 -19.31 4.71 6.45
CA LEU A 238 -20.09 5.95 6.60
C LEU A 238 -21.57 5.66 6.74
N ARG A 239 -22.06 4.73 5.93
CA ARG A 239 -23.45 4.29 6.03
C ARG A 239 -23.75 3.67 7.39
N MET A 240 -22.86 2.81 7.88
CA MET A 240 -23.03 2.19 9.20
C MET A 240 -22.96 3.21 10.34
N MET A 241 -22.18 4.28 10.16
CA MET A 241 -22.05 5.33 11.16
C MET A 241 -23.31 6.19 11.21
N GLY A 242 -23.72 6.56 12.42
CA GLY A 242 -24.96 7.31 12.62
C GLY A 242 -25.35 7.42 14.08
N VAL A 247 -20.64 13.58 17.17
CA VAL A 247 -19.20 13.50 17.34
C VAL A 247 -18.48 13.52 15.98
N PRO A 248 -17.15 13.76 15.99
CA PRO A 248 -16.36 13.68 14.76
C PRO A 248 -16.36 12.28 14.16
N ALA A 249 -16.29 12.19 12.82
CA ALA A 249 -16.27 10.92 12.10
C ALA A 249 -15.23 9.92 12.62
N LEU A 250 -14.05 10.41 12.98
CA LEU A 250 -12.98 9.57 13.50
C LEU A 250 -13.36 8.95 14.84
N SER A 251 -13.88 9.78 15.75
CA SER A 251 -14.42 9.34 17.03
C SER A 251 -15.60 8.38 16.84
N ARG A 252 -16.46 8.69 15.87
CA ARG A 252 -17.57 7.82 15.51
C ARG A 252 -17.09 6.46 14.99
N LEU A 253 -16.10 6.48 14.09
CA LEU A 253 -15.55 5.24 13.54
C LEU A 253 -14.92 4.42 14.65
N LEU A 254 -14.11 5.07 15.48
CA LEU A 254 -13.51 4.43 16.64
C LEU A 254 -14.54 3.76 17.55
N GLU A 255 -15.63 4.49 17.88
CA GLU A 255 -16.74 3.94 18.69
C GLU A 255 -17.32 2.67 18.10
N LEU A 256 -17.63 2.75 16.80
CA LEU A 256 -18.18 1.65 16.04
C LEU A 256 -17.28 0.41 16.14
N LEU A 257 -15.98 0.61 15.94
CA LEU A 257 -15.03 -0.49 16.01
C LEU A 257 -14.92 -1.06 17.42
N GLU A 258 -14.86 -0.18 18.42
CA GLU A 258 -14.76 -0.61 19.82
C GLU A 258 -15.98 -1.40 20.30
N GLU A 259 -17.17 -1.05 19.77
CA GLU A 259 -18.39 -1.84 19.98
C GLU A 259 -18.38 -3.23 19.35
N GLY A 260 -17.46 -3.46 18.41
CA GLY A 260 -17.34 -4.74 17.74
C GLY A 260 -17.92 -4.78 16.34
N GLN A 261 -18.40 -3.64 15.84
CA GLN A 261 -18.96 -3.62 14.50
C GLN A 261 -17.85 -3.66 13.48
N ARG A 262 -18.10 -4.34 12.37
CA ARG A 262 -17.11 -4.48 11.30
C ARG A 262 -17.83 -4.36 9.97
N LEU A 263 -17.05 -4.16 8.91
CA LEU A 263 -17.59 -4.22 7.55
C LEU A 263 -18.28 -5.58 7.32
N PRO A 264 -19.40 -5.57 6.58
CA PRO A 264 -20.12 -6.81 6.37
C PRO A 264 -19.41 -7.68 5.34
N ALA A 265 -19.61 -9.00 5.39
CA ALA A 265 -19.02 -9.85 4.37
C ALA A 265 -19.42 -9.35 2.98
N PRO A 266 -18.44 -9.19 2.06
CA PRO A 266 -18.80 -8.81 0.69
C PRO A 266 -19.85 -9.75 0.05
N PRO A 267 -20.64 -9.22 -0.90
CA PRO A 267 -21.56 -10.04 -1.67
C PRO A 267 -20.84 -11.26 -2.25
N ALA A 268 -21.41 -12.44 -2.03
CA ALA A 268 -20.88 -13.72 -2.53
C ALA A 268 -19.50 -14.12 -1.99
N CYS A 269 -19.04 -13.46 -0.92
CA CYS A 269 -17.73 -13.74 -0.35
C CYS A 269 -17.68 -15.18 0.19
N PRO A 270 -16.63 -15.93 -0.13
CA PRO A 270 -16.52 -17.23 0.55
C PRO A 270 -16.38 -17.05 2.05
N ALA A 271 -17.16 -17.84 2.81
CA ALA A 271 -17.15 -17.75 4.27
C ALA A 271 -15.75 -17.80 4.90
N GLU A 272 -14.88 -18.62 4.34
CA GLU A 272 -13.54 -18.82 4.89
C GLU A 272 -12.74 -17.51 4.78
N VAL A 273 -12.91 -16.79 3.68
CA VAL A 273 -12.23 -15.52 3.46
C VAL A 273 -12.74 -14.46 4.43
N HIS A 274 -14.06 -14.37 4.56
CA HIS A 274 -14.64 -13.45 5.55
C HIS A 274 -14.13 -13.73 6.98
N GLU A 275 -14.04 -15.01 7.36
CA GLU A 275 -13.48 -15.34 8.68
C GLU A 275 -12.04 -14.81 8.86
N LEU A 276 -11.23 -14.89 7.81
CA LEU A 276 -9.86 -14.38 7.88
C LEU A 276 -9.84 -12.86 8.05
N MET A 277 -10.73 -12.17 7.33
CA MET A 277 -10.85 -10.73 7.53
C MET A 277 -11.10 -10.41 9.01
N LYS A 278 -12.05 -11.12 9.60
CA LYS A 278 -12.41 -10.88 10.99
C LYS A 278 -11.25 -11.12 11.96
N LEU A 279 -10.41 -12.10 11.67
CA LEU A 279 -9.21 -12.33 12.47
C LEU A 279 -8.22 -11.17 12.34
N CYS A 280 -8.08 -10.65 11.13
CA CYS A 280 -7.22 -9.49 10.86
C CYS A 280 -7.69 -8.27 11.64
N TRP A 281 -9.00 -8.24 11.91
CA TRP A 281 -9.64 -7.11 12.57
C TRP A 281 -9.87 -7.37 14.07
N ALA A 282 -9.08 -8.26 14.67
CA ALA A 282 -9.12 -8.43 16.13
C ALA A 282 -8.87 -7.09 16.80
N PRO A 283 -9.67 -6.76 17.85
CA PRO A 283 -9.50 -5.50 18.55
C PRO A 283 -8.06 -5.22 18.98
N SER A 284 -7.42 -6.23 19.60
CA SER A 284 -6.07 -6.08 20.13
C SER A 284 -5.04 -6.60 19.11
N PRO A 285 -4.00 -5.79 18.83
CA PRO A 285 -3.00 -6.15 17.81
C PRO A 285 -2.32 -7.49 18.05
N GLN A 286 -2.04 -7.79 19.32
CA GLN A 286 -1.41 -9.06 19.70
C GLN A 286 -2.27 -10.29 19.40
N ASP A 287 -3.57 -10.11 19.21
CA ASP A 287 -4.49 -11.20 18.87
C ASP A 287 -4.70 -11.40 17.35
N ARG A 288 -4.18 -10.49 16.54
CA ARG A 288 -4.31 -10.62 15.09
C ARG A 288 -3.30 -11.67 14.59
N PRO A 289 -3.66 -12.41 13.54
CA PRO A 289 -2.68 -13.39 13.04
C PRO A 289 -1.49 -12.64 12.42
N SER A 290 -0.34 -13.29 12.37
CA SER A 290 0.80 -12.76 11.63
C SER A 290 0.63 -13.00 10.15
N PHE A 291 1.31 -12.23 9.32
CA PHE A 291 1.34 -12.51 7.88
C PHE A 291 1.88 -13.91 7.59
N SER A 292 2.81 -14.39 8.43
CA SER A 292 3.38 -15.72 8.25
C SER A 292 2.34 -16.81 8.49
N ALA A 293 1.42 -16.55 9.41
CA ALA A 293 0.30 -17.46 9.69
C ALA A 293 -0.81 -17.38 8.65
N LEU A 294 -1.05 -16.18 8.14
CA LEU A 294 -2.09 -15.97 7.13
C LEU A 294 -1.77 -16.61 5.79
N GLY A 295 -0.49 -16.57 5.40
CA GLY A 295 -0.06 -17.03 4.08
C GLY A 295 -0.49 -18.44 3.70
N PRO A 296 -0.12 -19.42 4.53
CA PRO A 296 -0.50 -20.82 4.28
C PRO A 296 -2.01 -21.04 4.19
N GLN A 297 -2.77 -20.28 4.99
CA GLN A 297 -4.23 -20.36 4.99
C GLN A 297 -4.83 -19.85 3.69
N LEU A 298 -4.26 -18.75 3.17
CA LEU A 298 -4.68 -18.21 1.89
C LEU A 298 -4.33 -19.18 0.76
N ASP A 299 -3.14 -19.78 0.85
CA ASP A 299 -2.66 -20.76 -0.12
C ASP A 299 -3.53 -22.02 -0.13
N MET A 300 -3.98 -22.44 1.05
CA MET A 300 -4.91 -23.56 1.17
C MET A 300 -6.22 -23.27 0.43
N LEU A 301 -6.77 -22.06 0.60
CA LEU A 301 -8.04 -21.68 -0.02
C LEU A 301 -7.94 -21.48 -1.54
#